data_9G3Q
#
_entry.id   9G3Q
#
_cell.length_a   50.432
_cell.length_b   77.191
_cell.length_c   51.116
_cell.angle_alpha   90.000
_cell.angle_beta   104.840
_cell.angle_gamma   90.000
#
_symmetry.space_group_name_H-M   'P 1 21 1'
#
loop_
_entity.id
_entity.type
_entity.pdbx_description
1 polymer AAEL001965-PA
2 branched 2-acetamido-2-deoxy-beta-D-glucopyranose-(1-4)-2-acetamido-2-deoxy-beta-D-glucopyranose
3 non-polymer D-MALATE
4 water water
#
_entity_poly.entity_id   1
_entity_poly.type   'polypeptide(L)'
_entity_poly.pdbx_seq_one_letter_code
;ETGATTGPKVLCYYDGQMSLREGLGKITVTDIELALPFCTHLLYGFAGVNPETYRLKALDESLELDSGKGQYRLATTLKR
RYPNLKVLLSVGGYKDLTEEKPFEKYLTLLESAGSRTAFVNSVYSTLKTYDFDGLDLAWQFPQTKPKRIRGWTGKVWHGF
KKLFTGDSVLDPEADEHREEFTALVRDLKNALVADNFILGLTVLPHVNESIFMDVPLLKDNLDYVNLASFDQQTPERNPK
EGDYTAPIYEPSERVEGNNVDAEASYWLKQGTPAGKIVIGIPTYGRGWKLVEKSGITGVPPIPADGPSIPGPHSGINGFY
SWAEVCAKLPNPGNANLQGADQPLRKIGDPTRRFGAYAFRIPDENEEHGIWLSYEDPDTAGNKAAYVKAKGLGGISIFDL
GNDDVRGACAGDKFPILRAAKYRLKHHHHHH
;
_entity_poly.pdbx_strand_id   A
#
# COMPACT_ATOMS: atom_id res chain seq x y z
N GLY A 7 -2.20 -18.00 -13.55
CA GLY A 7 -3.37 -17.35 -13.00
C GLY A 7 -3.06 -15.99 -12.46
N PRO A 8 -4.06 -15.10 -12.36
CA PRO A 8 -3.78 -13.77 -11.82
C PRO A 8 -3.35 -13.84 -10.36
N LYS A 9 -2.42 -12.97 -10.00
CA LYS A 9 -1.96 -12.86 -8.63
C LYS A 9 -2.86 -11.94 -7.82
N VAL A 10 -3.00 -12.29 -6.54
CA VAL A 10 -3.63 -11.43 -5.55
C VAL A 10 -2.65 -11.40 -4.38
N LEU A 11 -1.86 -10.33 -4.28
CA LEU A 11 -0.86 -10.17 -3.25
C LEU A 11 -1.46 -9.40 -2.09
N CYS A 12 -1.70 -10.08 -1.00
CA CYS A 12 -2.39 -9.48 0.12
C CYS A 12 -1.39 -9.06 1.21
N TYR A 13 -1.29 -7.76 1.48
CA TYR A 13 -0.44 -7.31 2.55
C TYR A 13 -1.13 -7.44 3.92
N TYR A 14 -0.38 -7.93 4.90
CA TYR A 14 -0.77 -7.85 6.30
C TYR A 14 0.34 -7.09 7.02
N ASP A 15 0.00 -5.94 7.58
CA ASP A 15 0.91 -5.12 8.35
C ASP A 15 0.90 -5.64 9.79
N GLY A 16 1.94 -6.39 10.14
CA GLY A 16 2.02 -7.01 11.45
C GLY A 16 1.96 -6.04 12.61
N GLN A 17 2.25 -4.75 12.36
CA GLN A 17 2.12 -3.74 13.40
C GLN A 17 0.72 -3.72 13.98
N MET A 18 -0.27 -4.11 13.19
CA MET A 18 -1.66 -4.06 13.64
C MET A 18 -1.96 -4.97 14.81
N SER A 19 -1.18 -6.03 15.01
CA SER A 19 -1.44 -6.88 16.17
C SER A 19 -1.02 -6.22 17.46
N LEU A 20 -0.29 -5.09 17.38
CA LEU A 20 0.13 -4.32 18.54
C LEU A 20 -0.90 -3.28 18.96
N ARG A 21 -1.92 -3.07 18.14
CA ARG A 21 -2.88 -2.00 18.38
C ARG A 21 -3.83 -2.41 19.50
N GLU A 22 -4.60 -1.43 19.96
CA GLU A 22 -5.44 -1.55 21.14
C GLU A 22 -6.89 -1.70 20.69
N GLY A 23 -7.63 -2.57 21.40
CA GLY A 23 -9.08 -2.63 21.19
C GLY A 23 -9.43 -3.15 19.81
N LEU A 24 -10.47 -2.56 19.22
CA LEU A 24 -10.90 -2.96 17.89
C LEU A 24 -9.86 -2.60 16.83
N GLY A 25 -8.87 -1.79 17.17
CA GLY A 25 -7.78 -1.58 16.25
C GLY A 25 -6.86 -2.77 16.10
N LYS A 26 -6.85 -3.69 17.05
CA LYS A 26 -5.95 -4.83 17.00
C LYS A 26 -6.46 -5.81 15.93
N ILE A 27 -5.61 -6.10 14.96
CA ILE A 27 -5.89 -7.11 13.95
C ILE A 27 -4.73 -8.09 14.00
N THR A 28 -5.02 -9.35 14.30
CA THR A 28 -4.02 -10.39 14.49
C THR A 28 -3.92 -11.24 13.23
N VAL A 29 -2.91 -12.10 13.22
CA VAL A 29 -2.80 -13.06 12.12
C VAL A 29 -4.08 -13.87 12.01
N THR A 30 -4.58 -14.38 13.15
CA THR A 30 -5.80 -15.16 13.10
C THR A 30 -6.94 -14.38 12.44
N ASP A 31 -7.06 -13.09 12.75
CA ASP A 31 -8.16 -12.30 12.23
C ASP A 31 -8.14 -12.24 10.70
N ILE A 32 -6.96 -12.33 10.06
CA ILE A 32 -6.91 -12.19 8.60
C ILE A 32 -6.99 -13.54 7.89
N GLU A 33 -7.10 -14.64 8.62
CA GLU A 33 -7.12 -15.96 7.98
C GLU A 33 -8.31 -16.14 7.06
N LEU A 34 -9.47 -15.58 7.41
CA LEU A 34 -10.64 -15.67 6.52
C LEU A 34 -10.37 -15.02 5.16
N ALA A 35 -9.38 -14.15 5.04
CA ALA A 35 -9.06 -13.52 3.77
C ALA A 35 -8.25 -14.41 2.86
N LEU A 36 -7.53 -15.38 3.42
CA LEU A 36 -6.47 -16.04 2.69
C LEU A 36 -6.95 -16.89 1.51
N PRO A 37 -8.15 -17.46 1.54
CA PRO A 37 -8.64 -18.15 0.33
C PRO A 37 -8.73 -17.26 -0.89
N PHE A 38 -8.77 -15.95 -0.72
CA PHE A 38 -8.87 -15.02 -1.84
C PHE A 38 -7.53 -14.50 -2.32
N CYS A 39 -6.45 -14.87 -1.64
CA CYS A 39 -5.11 -14.35 -1.89
C CYS A 39 -4.25 -15.46 -2.46
N THR A 40 -3.40 -15.13 -3.43
CA THR A 40 -2.38 -16.07 -3.88
C THR A 40 -1.12 -15.97 -3.04
N HIS A 41 -0.84 -14.78 -2.49
CA HIS A 41 0.35 -14.53 -1.70
C HIS A 41 -0.06 -13.71 -0.51
N LEU A 42 0.56 -13.97 0.62
CA LEU A 42 0.46 -13.12 1.81
C LEU A 42 1.80 -12.42 1.95
N LEU A 43 1.80 -11.08 1.88
CA LEU A 43 3.01 -10.29 2.03
C LEU A 43 2.99 -9.75 3.45
N TYR A 44 3.87 -10.31 4.27
CA TYR A 44 4.00 -9.92 5.65
C TYR A 44 4.83 -8.66 5.71
N GLY A 45 4.25 -7.58 6.23
CA GLY A 45 4.94 -6.30 6.34
C GLY A 45 5.21 -5.94 7.80
N PHE A 46 6.37 -5.32 8.05
CA PHE A 46 7.42 -4.93 7.15
C PHE A 46 8.74 -5.15 7.89
N ALA A 47 9.76 -5.63 7.20
CA ALA A 47 11.14 -5.61 7.66
C ALA A 47 11.78 -4.27 7.30
N GLY A 48 12.91 -4.00 7.93
CA GLY A 48 13.70 -2.83 7.61
C GLY A 48 15.15 -3.15 7.36
N VAL A 49 15.97 -2.09 7.32
CA VAL A 49 17.39 -2.21 7.05
C VAL A 49 18.15 -1.59 8.23
N ASN A 50 19.17 -2.30 8.72
CA ASN A 50 20.08 -1.73 9.70
CA ASN A 50 20.08 -1.74 9.71
C ASN A 50 21.04 -0.78 9.00
N PRO A 51 21.06 0.51 9.36
CA PRO A 51 21.90 1.46 8.61
C PRO A 51 23.40 1.28 8.82
N GLU A 52 23.83 0.50 9.81
CA GLU A 52 25.26 0.26 10.04
C GLU A 52 25.76 -1.03 9.39
N THR A 53 24.97 -2.09 9.43
CA THR A 53 25.39 -3.37 8.85
C THR A 53 24.80 -3.63 7.47
N TYR A 54 23.74 -2.90 7.10
CA TYR A 54 22.99 -3.10 5.86
C TYR A 54 22.32 -4.46 5.79
N ARG A 55 22.20 -5.15 6.92
CA ARG A 55 21.43 -6.38 7.02
C ARG A 55 19.95 -6.07 7.31
N LEU A 56 19.10 -7.01 6.95
CA LEU A 56 17.69 -6.87 7.28
C LEU A 56 17.56 -6.77 8.80
N LYS A 57 16.53 -6.06 9.26
CA LYS A 57 16.16 -6.04 10.66
C LYS A 57 14.64 -6.18 10.77
N ALA A 58 14.19 -6.73 11.90
CA ALA A 58 12.78 -6.62 12.24
C ALA A 58 12.51 -5.20 12.73
N LEU A 59 11.31 -4.70 12.47
CA LEU A 59 10.98 -3.35 12.95
C LEU A 59 10.52 -3.34 14.41
N ASP A 60 10.14 -4.48 14.93
CA ASP A 60 9.79 -4.67 16.33
C ASP A 60 10.25 -6.09 16.64
N GLU A 61 11.47 -6.20 17.19
CA GLU A 61 12.03 -7.52 17.44
C GLU A 61 11.19 -8.29 18.44
N SER A 62 10.67 -7.60 19.45
CA SER A 62 9.88 -8.29 20.45
C SER A 62 8.64 -8.94 19.87
N LEU A 63 8.14 -8.42 18.76
CA LEU A 63 6.98 -8.99 18.08
C LEU A 63 7.37 -10.09 17.11
N GLU A 64 8.41 -9.87 16.31
CA GLU A 64 8.60 -10.70 15.15
C GLU A 64 9.51 -11.90 15.38
N LEU A 65 10.49 -11.79 16.28
CA LEU A 65 11.54 -12.78 16.39
C LEU A 65 11.13 -13.94 17.29
N ASP A 66 11.82 -15.06 17.09
CA ASP A 66 11.56 -16.24 17.92
C ASP A 66 11.82 -15.97 19.40
N SER A 67 12.75 -15.06 19.71
CA SER A 67 12.99 -14.71 21.10
C SER A 67 11.84 -13.90 21.70
N GLY A 68 10.92 -13.41 20.86
CA GLY A 68 9.76 -12.69 21.35
C GLY A 68 8.48 -13.42 21.01
N LYS A 69 7.53 -12.73 20.38
CA LYS A 69 6.23 -13.33 20.07
C LYS A 69 6.27 -14.19 18.81
N GLY A 70 7.36 -14.17 18.05
CA GLY A 70 7.50 -15.07 16.91
C GLY A 70 6.49 -14.86 15.80
N GLN A 71 6.14 -13.61 15.53
CA GLN A 71 5.09 -13.38 14.53
C GLN A 71 5.54 -13.68 13.10
N TYR A 72 6.83 -13.56 12.80
CA TYR A 72 7.28 -14.03 11.49
C TYR A 72 6.86 -15.47 11.25
N ARG A 73 7.08 -16.35 12.23
CA ARG A 73 6.79 -17.76 12.05
C ARG A 73 5.30 -18.02 12.08
N LEU A 74 4.55 -17.25 12.88
CA LEU A 74 3.09 -17.38 12.82
C LEU A 74 2.60 -17.10 11.40
N ALA A 75 3.20 -16.13 10.72
CA ALA A 75 2.77 -15.84 9.35
C ALA A 75 3.16 -16.96 8.40
N THR A 76 4.41 -17.44 8.48
CA THR A 76 4.84 -18.44 7.51
C THR A 76 4.17 -19.79 7.72
N THR A 77 3.79 -20.11 8.96
CA THR A 77 2.99 -21.31 9.18
C THR A 77 1.72 -21.35 8.32
N LEU A 78 1.20 -20.20 7.95
CA LEU A 78 -0.03 -20.16 7.15
C LEU A 78 0.12 -20.98 5.86
N LYS A 79 1.33 -21.08 5.34
CA LYS A 79 1.51 -21.84 4.10
C LYS A 79 1.23 -23.31 4.30
N ARG A 80 1.30 -23.80 5.54
CA ARG A 80 0.97 -25.19 5.87
C ARG A 80 -0.50 -25.42 6.17
N ARG A 81 -1.33 -24.37 6.24
CA ARG A 81 -2.77 -24.50 6.45
C ARG A 81 -3.61 -24.00 5.27
N TYR A 82 -3.01 -23.33 4.31
CA TYR A 82 -3.73 -22.77 3.16
C TYR A 82 -3.00 -23.25 1.92
N PRO A 83 -3.48 -24.30 1.26
CA PRO A 83 -2.71 -24.90 0.17
C PRO A 83 -2.41 -23.88 -0.91
N ASN A 84 -1.17 -23.91 -1.39
CA ASN A 84 -0.65 -23.08 -2.46
C ASN A 84 -0.36 -21.63 -2.04
N LEU A 85 -0.77 -21.18 -0.86
CA LEU A 85 -0.46 -19.82 -0.43
C LEU A 85 1.04 -19.66 -0.30
N LYS A 86 1.58 -18.56 -0.86
CA LYS A 86 2.97 -18.19 -0.69
C LYS A 86 3.04 -17.06 0.32
N VAL A 87 3.95 -17.17 1.28
CA VAL A 87 4.13 -16.14 2.29
C VAL A 87 5.47 -15.45 2.08
N LEU A 88 5.42 -14.18 1.72
CA LEU A 88 6.61 -13.38 1.46
C LEU A 88 6.86 -12.44 2.64
N LEU A 89 8.11 -12.01 2.80
CA LEU A 89 8.47 -10.91 3.68
C LEU A 89 8.66 -9.65 2.84
N SER A 90 7.97 -8.57 3.24
CA SER A 90 8.12 -7.29 2.57
C SER A 90 9.05 -6.39 3.36
N VAL A 91 10.06 -5.86 2.68
CA VAL A 91 11.04 -4.97 3.30
C VAL A 91 10.77 -3.53 2.84
N GLY A 92 10.74 -2.62 3.81
CA GLY A 92 10.59 -1.21 3.56
C GLY A 92 9.15 -0.75 3.72
N GLY A 93 8.48 -0.48 2.59
CA GLY A 93 7.08 -0.09 2.60
C GLY A 93 6.80 1.28 3.16
N TYR A 94 7.83 2.08 3.43
N TYR A 94 7.84 2.08 3.37
CA TYR A 94 7.72 3.35 4.15
CA TYR A 94 7.75 3.32 4.14
C TYR A 94 7.29 3.15 5.59
C TYR A 94 7.09 3.07 5.50
N LYS A 95 7.46 1.94 6.12
CA LYS A 95 7.24 1.68 7.53
C LYS A 95 8.55 1.62 8.33
N ASP A 96 9.71 1.57 7.66
CA ASP A 96 11.03 1.56 8.31
C ASP A 96 11.41 3.02 8.51
N LEU A 97 11.14 3.54 9.72
CA LEU A 97 11.13 4.96 10.00
C LEU A 97 11.91 5.24 11.27
N THR A 98 13.14 4.82 11.31
CA THR A 98 13.97 4.99 12.50
C THR A 98 15.10 5.99 12.32
N GLU A 99 15.20 6.66 11.17
CA GLU A 99 16.11 7.79 10.99
C GLU A 99 15.33 8.99 10.45
N GLU A 100 15.93 10.17 10.61
CA GLU A 100 15.27 11.39 10.18
C GLU A 100 15.00 11.38 8.69
N LYS A 101 15.90 10.80 7.91
CA LYS A 101 15.70 10.60 6.48
C LYS A 101 15.60 9.11 6.25
N PRO A 102 14.40 8.54 6.24
CA PRO A 102 14.29 7.07 6.25
C PRO A 102 14.68 6.40 4.93
N PHE A 103 14.86 7.15 3.86
CA PHE A 103 15.31 6.62 2.58
C PHE A 103 16.82 6.58 2.46
N GLU A 104 17.55 7.28 3.34
CA GLU A 104 18.98 7.44 3.10
C GLU A 104 19.72 6.09 3.09
N LYS A 105 19.42 5.21 4.03
CA LYS A 105 20.10 3.93 4.10
C LYS A 105 19.74 3.03 2.91
N TYR A 106 18.57 3.25 2.30
CA TYR A 106 18.17 2.52 1.10
C TYR A 106 18.96 2.98 -0.11
N LEU A 107 19.52 4.18 -0.07
CA LEU A 107 20.42 4.61 -1.11
C LEU A 107 21.87 4.17 -0.81
N THR A 108 22.36 4.39 0.41
CA THR A 108 23.78 4.09 0.68
C THR A 108 24.04 2.57 0.65
N LEU A 109 23.05 1.77 1.00
CA LEU A 109 23.20 0.33 0.86
C LEU A 109 23.67 -0.04 -0.53
N LEU A 110 23.21 0.69 -1.55
CA LEU A 110 23.47 0.32 -2.93
C LEU A 110 24.91 0.61 -3.35
N GLU A 111 25.69 1.34 -2.56
CA GLU A 111 26.85 2.03 -3.07
C GLU A 111 28.11 1.19 -3.10
N SER A 112 28.09 -0.04 -2.59
CA SER A 112 29.27 -0.88 -2.69
C SER A 112 28.86 -2.34 -2.77
N ALA A 113 29.71 -3.14 -3.44
CA ALA A 113 29.50 -4.58 -3.47
C ALA A 113 29.39 -5.14 -2.06
N GLY A 114 30.19 -4.61 -1.14
CA GLY A 114 30.18 -5.14 0.22
C GLY A 114 28.84 -4.93 0.92
N SER A 115 28.29 -3.72 0.81
N SER A 115 28.28 -3.72 0.81
CA SER A 115 27.00 -3.46 1.43
CA SER A 115 27.00 -3.47 1.44
C SER A 115 25.89 -4.24 0.73
C SER A 115 25.88 -4.21 0.73
N ARG A 116 25.91 -4.27 -0.60
CA ARG A 116 24.89 -5.04 -1.31
C ARG A 116 24.94 -6.51 -0.92
N THR A 117 26.17 -7.07 -0.81
CA THR A 117 26.33 -8.45 -0.42
C THR A 117 25.84 -8.70 1.01
N ALA A 118 26.15 -7.80 1.93
CA ALA A 118 25.65 -7.95 3.28
C ALA A 118 24.14 -8.07 3.28
N PHE A 119 23.47 -7.21 2.53
CA PHE A 119 22.01 -7.25 2.48
C PHE A 119 21.54 -8.56 1.85
N VAL A 120 22.10 -8.94 0.71
CA VAL A 120 21.67 -10.16 0.03
C VAL A 120 21.82 -11.35 0.96
N ASN A 121 22.99 -11.48 1.59
CA ASN A 121 23.21 -12.62 2.49
C ASN A 121 22.21 -12.61 3.65
N SER A 122 21.85 -11.42 4.15
N SER A 122 21.89 -11.42 4.16
CA SER A 122 20.90 -11.34 5.25
CA SER A 122 20.90 -11.33 5.23
C SER A 122 19.47 -11.66 4.79
C SER A 122 19.51 -11.75 4.75
N VAL A 123 19.13 -11.36 3.53
CA VAL A 123 17.83 -11.77 2.99
C VAL A 123 17.76 -13.28 2.90
N TYR A 124 18.79 -13.90 2.31
CA TYR A 124 18.77 -15.34 2.16
C TYR A 124 18.63 -16.04 3.51
N SER A 125 19.43 -15.61 4.47
N SER A 125 19.43 -15.61 4.49
N SER A 125 19.41 -15.61 4.49
CA SER A 125 19.40 -16.22 5.80
CA SER A 125 19.39 -16.25 5.80
CA SER A 125 19.39 -16.26 5.79
C SER A 125 18.03 -16.04 6.46
C SER A 125 18.03 -16.03 6.47
C SER A 125 18.06 -16.01 6.51
N THR A 126 17.44 -14.85 6.29
CA THR A 126 16.16 -14.57 6.94
C THR A 126 15.04 -15.40 6.31
N LEU A 127 15.00 -15.47 4.98
CA LEU A 127 13.99 -16.29 4.32
C LEU A 127 14.09 -17.74 4.77
N LYS A 128 15.32 -18.26 4.81
CA LYS A 128 15.52 -19.65 5.22
C LYS A 128 15.14 -19.85 6.69
N THR A 129 15.59 -18.94 7.56
CA THR A 129 15.38 -19.13 9.00
C THR A 129 13.90 -19.18 9.36
N TYR A 130 13.10 -18.26 8.78
CA TYR A 130 11.71 -18.14 9.15
C TYR A 130 10.77 -18.83 8.16
N ASP A 131 11.33 -19.45 7.11
CA ASP A 131 10.56 -20.23 6.13
C ASP A 131 9.64 -19.34 5.29
N PHE A 132 10.10 -18.15 4.97
CA PHE A 132 9.42 -17.35 3.98
C PHE A 132 9.61 -17.97 2.60
N ASP A 133 8.69 -17.64 1.69
CA ASP A 133 8.76 -18.10 0.31
C ASP A 133 9.42 -17.11 -0.62
N GLY A 134 9.78 -15.93 -0.12
CA GLY A 134 10.41 -14.93 -0.96
C GLY A 134 10.31 -13.56 -0.33
N LEU A 135 10.74 -12.57 -1.13
CA LEU A 135 10.89 -11.20 -0.68
C LEU A 135 10.14 -10.25 -1.60
N ASP A 136 9.39 -9.32 -0.99
CA ASP A 136 8.79 -8.17 -1.65
C ASP A 136 9.69 -6.98 -1.37
N LEU A 137 10.32 -6.44 -2.41
CA LEU A 137 11.29 -5.36 -2.29
C LEU A 137 10.53 -4.04 -2.42
N ALA A 138 9.99 -3.55 -1.30
CA ALA A 138 9.22 -2.29 -1.27
C ALA A 138 10.18 -1.15 -0.92
N TRP A 139 11.06 -0.88 -1.87
CA TRP A 139 12.28 -0.12 -1.58
C TRP A 139 11.98 1.34 -1.24
N GLN A 140 12.58 1.85 -0.16
CA GLN A 140 12.31 3.24 0.25
C GLN A 140 13.25 4.21 -0.45
N PHE A 141 13.06 4.30 -1.77
CA PHE A 141 13.65 5.43 -2.48
C PHE A 141 12.99 6.70 -1.96
N PRO A 142 13.65 7.85 -2.05
CA PRO A 142 12.99 9.11 -1.68
C PRO A 142 11.79 9.37 -2.57
N GLN A 143 10.75 9.95 -1.97
CA GLN A 143 9.57 10.34 -2.71
C GLN A 143 9.80 11.64 -3.43
N THR A 144 9.23 11.74 -4.63
CA THR A 144 9.14 13.01 -5.32
C THR A 144 8.44 14.03 -4.44
N LYS A 145 8.94 15.25 -4.44
CA LYS A 145 8.33 16.28 -3.60
C LYS A 145 6.92 16.63 -4.09
N PRO A 146 6.03 17.05 -3.19
CA PRO A 146 4.68 17.45 -3.62
C PRO A 146 4.75 18.75 -4.40
N LYS A 147 3.69 18.99 -5.20
CA LYS A 147 3.80 20.05 -6.19
C LYS A 147 4.40 21.30 -5.53
N ARG A 148 3.67 21.94 -4.64
CA ARG A 148 4.19 23.07 -3.85
C ARG A 148 3.20 23.43 -2.73
N VAL A 169 16.78 18.92 -5.90
CA VAL A 169 17.19 17.62 -6.40
C VAL A 169 16.76 16.53 -5.43
N LEU A 170 16.26 15.42 -5.97
CA LEU A 170 15.77 14.35 -5.13
C LEU A 170 16.91 13.44 -4.68
N ASP A 171 17.88 13.23 -5.54
CA ASP A 171 19.04 12.38 -5.26
C ASP A 171 20.18 12.83 -6.16
N PRO A 172 21.19 13.53 -5.61
CA PRO A 172 22.30 13.99 -6.44
C PRO A 172 23.06 12.87 -7.14
N GLU A 173 22.98 11.65 -6.61
CA GLU A 173 23.65 10.50 -7.21
C GLU A 173 22.63 9.49 -7.76
N ALA A 174 21.52 9.99 -8.28
CA ALA A 174 20.45 9.12 -8.78
C ALA A 174 20.96 8.18 -9.86
N ASP A 175 21.79 8.67 -10.79
CA ASP A 175 22.24 7.83 -11.89
C ASP A 175 23.09 6.66 -11.36
N GLU A 176 23.98 6.95 -10.40
CA GLU A 176 24.76 5.88 -9.77
C GLU A 176 23.84 4.88 -9.06
N HIS A 177 22.88 5.39 -8.31
CA HIS A 177 22.00 4.51 -7.55
C HIS A 177 21.12 3.66 -8.46
N ARG A 178 20.64 4.22 -9.57
CA ARG A 178 19.82 3.45 -10.51
C ARG A 178 20.56 2.21 -10.99
N GLU A 179 21.83 2.38 -11.37
CA GLU A 179 22.64 1.27 -11.86
C GLU A 179 22.93 0.30 -10.74
N GLU A 180 23.20 0.81 -9.54
CA GLU A 180 23.45 -0.07 -8.40
C GLU A 180 22.23 -0.85 -8.00
N PHE A 181 21.04 -0.30 -8.18
CA PHE A 181 19.81 -1.03 -7.89
C PHE A 181 19.64 -2.21 -8.86
N THR A 182 19.96 -2.00 -10.16
CA THR A 182 19.96 -3.11 -11.10
C THR A 182 20.85 -4.24 -10.60
N ALA A 183 22.04 -3.88 -10.11
CA ALA A 183 22.99 -4.87 -9.61
C ALA A 183 22.46 -5.56 -8.36
N LEU A 184 21.82 -4.80 -7.46
CA LEU A 184 21.25 -5.41 -6.25
C LEU A 184 20.18 -6.44 -6.62
N VAL A 185 19.28 -6.06 -7.54
CA VAL A 185 18.19 -6.97 -7.90
C VAL A 185 18.77 -8.21 -8.58
N ARG A 186 19.78 -8.03 -9.42
CA ARG A 186 20.44 -9.18 -10.04
C ARG A 186 21.06 -10.08 -8.99
N ASP A 187 21.74 -9.49 -8.00
CA ASP A 187 22.35 -10.26 -6.92
C ASP A 187 21.31 -11.04 -6.14
N LEU A 188 20.20 -10.37 -5.76
CA LEU A 188 19.12 -11.05 -5.06
C LEU A 188 18.59 -12.21 -5.86
N LYS A 189 18.24 -11.98 -7.14
CA LYS A 189 17.76 -13.07 -7.99
C LYS A 189 18.74 -14.24 -7.98
N ASN A 190 20.01 -13.98 -8.21
CA ASN A 190 20.96 -15.10 -8.32
C ASN A 190 21.10 -15.85 -7.00
N ALA A 191 20.89 -15.15 -5.86
CA ALA A 191 21.00 -15.81 -4.57
C ALA A 191 19.75 -16.60 -4.24
N LEU A 192 18.61 -16.18 -4.75
CA LEU A 192 17.31 -16.74 -4.37
C LEU A 192 16.86 -17.86 -5.29
N VAL A 193 17.44 -17.97 -6.50
CA VAL A 193 16.88 -18.81 -7.54
C VAL A 193 17.08 -20.30 -7.24
N ALA A 194 18.21 -20.67 -6.63
CA ALA A 194 18.46 -22.09 -6.36
C ALA A 194 17.35 -22.67 -5.50
N ASP A 195 16.91 -21.93 -4.48
CA ASP A 195 15.86 -22.38 -3.59
C ASP A 195 14.46 -22.02 -4.07
N ASN A 196 14.36 -21.44 -5.26
CA ASN A 196 13.07 -21.11 -5.85
C ASN A 196 12.32 -20.06 -5.04
N PHE A 197 13.05 -19.18 -4.37
CA PHE A 197 12.40 -18.07 -3.66
C PHE A 197 11.88 -17.04 -4.65
N ILE A 198 10.73 -16.48 -4.34
CA ILE A 198 10.10 -15.42 -5.13
C ILE A 198 10.80 -14.11 -4.83
N LEU A 199 10.99 -13.29 -5.86
CA LEU A 199 11.52 -11.95 -5.71
C LEU A 199 10.62 -11.02 -6.51
N GLY A 200 9.97 -10.06 -5.85
CA GLY A 200 9.19 -9.06 -6.55
C GLY A 200 9.61 -7.67 -6.10
N LEU A 201 9.25 -6.69 -6.92
CA LEU A 201 9.54 -5.29 -6.66
C LEU A 201 8.23 -4.59 -6.43
N THR A 202 8.16 -3.74 -5.40
CA THR A 202 7.01 -2.88 -5.17
C THR A 202 7.47 -1.43 -5.32
N VAL A 203 6.83 -0.70 -6.25
CA VAL A 203 7.09 0.72 -6.48
C VAL A 203 6.11 1.52 -5.63
N LEU A 204 6.60 2.06 -4.55
CA LEU A 204 5.79 2.75 -3.57
C LEU A 204 5.26 4.09 -4.08
N PRO A 205 4.25 4.65 -3.42
CA PRO A 205 3.70 5.93 -3.87
C PRO A 205 4.80 6.99 -3.96
N HIS A 206 4.78 7.74 -5.07
CA HIS A 206 5.66 8.88 -5.30
C HIS A 206 7.10 8.49 -5.51
N VAL A 207 7.38 7.22 -5.78
CA VAL A 207 8.71 6.79 -6.21
C VAL A 207 8.77 6.90 -7.72
N ASN A 208 9.72 7.69 -8.23
CA ASN A 208 9.80 7.99 -9.66
C ASN A 208 10.68 6.96 -10.34
N GLU A 209 10.06 6.02 -11.07
CA GLU A 209 10.80 4.95 -11.72
C GLU A 209 11.78 5.48 -12.75
N SER A 210 11.44 6.59 -13.42
N SER A 210 11.41 6.57 -13.45
CA SER A 210 12.32 7.08 -14.47
CA SER A 210 12.30 7.12 -14.45
C SER A 210 13.60 7.66 -13.91
C SER A 210 13.66 7.41 -13.84
N ILE A 211 13.66 7.93 -12.60
CA ILE A 211 14.90 8.36 -11.96
C ILE A 211 15.68 7.17 -11.42
N PHE A 212 14.98 6.20 -10.80
CA PHE A 212 15.65 5.23 -9.95
C PHE A 212 15.73 3.81 -10.51
N MET A 213 14.95 3.50 -11.55
CA MET A 213 14.77 2.10 -11.95
C MET A 213 15.03 1.94 -13.43
N ASP A 214 15.93 1.03 -13.76
CA ASP A 214 16.24 0.69 -15.14
C ASP A 214 15.35 -0.49 -15.55
N VAL A 215 14.15 -0.18 -16.05
CA VAL A 215 13.15 -1.24 -16.23
C VAL A 215 13.65 -2.38 -17.11
N PRO A 216 14.23 -2.12 -18.29
CA PRO A 216 14.63 -3.24 -19.14
C PRO A 216 15.65 -4.15 -18.50
N LEU A 217 16.41 -3.69 -17.52
CA LEU A 217 17.45 -4.50 -16.89
C LEU A 217 17.02 -5.06 -15.55
N LEU A 218 15.83 -4.69 -15.10
CA LEU A 218 15.22 -5.24 -13.89
C LEU A 218 14.25 -6.39 -14.19
N LYS A 219 13.49 -6.28 -15.27
CA LYS A 219 12.31 -7.11 -15.43
C LYS A 219 12.63 -8.61 -15.41
N ASP A 220 13.71 -9.03 -16.05
CA ASP A 220 13.99 -10.46 -16.12
C ASP A 220 14.32 -11.08 -14.78
N ASN A 221 14.60 -10.29 -13.76
CA ASN A 221 15.00 -10.80 -12.47
C ASN A 221 13.87 -10.76 -11.45
N LEU A 222 12.67 -10.36 -11.87
CA LEU A 222 11.55 -10.13 -10.97
C LEU A 222 10.38 -11.02 -11.36
N ASP A 223 9.76 -11.63 -10.36
CA ASP A 223 8.54 -12.40 -10.61
C ASP A 223 7.32 -11.49 -10.79
N TYR A 224 7.33 -10.32 -10.15
CA TYR A 224 6.28 -9.33 -10.34
C TYR A 224 6.85 -7.96 -10.11
N VAL A 225 6.14 -6.97 -10.67
CA VAL A 225 6.35 -5.56 -10.39
C VAL A 225 4.99 -5.03 -9.91
N ASN A 226 4.94 -4.66 -8.64
CA ASN A 226 3.72 -4.23 -7.98
C ASN A 226 3.72 -2.72 -7.89
N LEU A 227 2.76 -2.11 -8.55
CA LEU A 227 2.68 -0.66 -8.66
C LEU A 227 1.71 -0.15 -7.61
N ALA A 228 2.26 0.42 -6.54
CA ALA A 228 1.45 0.96 -5.44
C ALA A 228 0.90 2.34 -5.80
N SER A 229 0.02 2.36 -6.81
CA SER A 229 -0.43 3.59 -7.45
C SER A 229 -1.64 4.15 -6.71
N PHE A 230 -1.36 4.71 -5.54
CA PHE A 230 -2.36 5.31 -4.68
C PHE A 230 -1.64 6.33 -3.80
N ASP A 231 -2.35 6.87 -2.82
CA ASP A 231 -1.82 7.97 -1.99
C ASP A 231 -1.34 9.11 -2.88
N GLN A 232 -2.08 9.34 -3.96
CA GLN A 232 -1.60 10.35 -4.92
C GLN A 232 -1.67 11.76 -4.35
N GLN A 233 -2.62 11.99 -3.43
CA GLN A 233 -2.79 13.18 -2.63
C GLN A 233 -2.96 12.67 -1.21
N THR A 234 -2.28 13.30 -0.25
CA THR A 234 -2.44 12.92 1.14
C THR A 234 -2.38 14.17 2.03
N PRO A 235 -2.94 14.09 3.24
CA PRO A 235 -2.82 15.24 4.15
C PRO A 235 -1.39 15.53 4.57
N GLU A 236 -0.50 14.54 4.51
CA GLU A 236 0.90 14.77 4.88
C GLU A 236 1.66 15.50 3.77
N ARG A 237 1.42 15.13 2.51
CA ARG A 237 2.09 15.79 1.41
C ARG A 237 1.39 17.06 0.98
N ASN A 238 0.04 17.08 1.10
CA ASN A 238 -0.80 18.16 0.59
C ASN A 238 -1.73 18.61 1.72
N PRO A 239 -1.19 19.13 2.81
CA PRO A 239 -2.07 19.49 3.93
C PRO A 239 -3.12 20.50 3.56
N LYS A 240 -2.85 21.34 2.58
CA LYS A 240 -3.76 22.42 2.23
C LYS A 240 -4.68 22.07 1.07
N GLU A 241 -4.70 20.82 0.60
CA GLU A 241 -5.55 20.53 -0.54
C GLU A 241 -5.95 19.06 -0.60
N GLY A 242 -7.25 18.82 -0.53
CA GLY A 242 -7.77 17.48 -0.73
C GLY A 242 -8.00 17.18 -2.21
N ASP A 243 -7.75 15.92 -2.61
CA ASP A 243 -7.99 15.49 -3.98
C ASP A 243 -8.04 13.96 -3.98
N TYR A 244 -8.40 13.40 -5.13
CA TYR A 244 -8.56 11.96 -5.25
C TYR A 244 -7.28 11.23 -4.85
N THR A 245 -7.42 10.26 -3.93
CA THR A 245 -6.26 9.56 -3.45
C THR A 245 -5.78 8.44 -4.39
N ALA A 246 -6.63 7.85 -5.19
CA ALA A 246 -6.22 6.65 -5.91
C ALA A 246 -6.96 6.52 -7.25
N PRO A 247 -6.87 7.52 -8.12
CA PRO A 247 -7.55 7.46 -9.42
C PRO A 247 -6.96 6.42 -10.35
N ILE A 248 -7.83 5.86 -11.20
CA ILE A 248 -7.41 4.92 -12.23
C ILE A 248 -6.80 5.68 -13.39
N TYR A 249 -7.45 6.76 -13.83
CA TYR A 249 -6.99 7.64 -14.91
C TYR A 249 -6.64 9.01 -14.33
N GLU A 250 -6.02 9.85 -15.15
CA GLU A 250 -5.61 11.18 -14.72
C GLU A 250 -6.78 12.12 -14.54
N PRO A 251 -7.10 12.56 -13.32
CA PRO A 251 -8.07 13.66 -13.19
C PRO A 251 -7.54 14.91 -13.89
N SER A 252 -8.46 15.75 -14.36
CA SER A 252 -8.07 16.84 -15.24
C SER A 252 -6.98 17.71 -14.60
N GLU A 253 -5.87 17.86 -15.31
CA GLU A 253 -4.78 18.76 -14.93
C GLU A 253 -4.09 18.39 -13.61
N ARG A 254 -4.15 17.13 -13.20
CA ARG A 254 -3.40 16.61 -12.07
C ARG A 254 -1.94 16.30 -12.47
N VAL A 255 -1.18 15.75 -11.52
CA VAL A 255 0.24 15.48 -11.78
C VAL A 255 0.34 14.31 -12.76
N GLU A 256 0.98 14.56 -13.91
CA GLU A 256 1.11 13.52 -14.91
C GLU A 256 1.84 12.31 -14.32
N GLY A 257 1.32 11.13 -14.57
CA GLY A 257 1.89 9.88 -14.11
C GLY A 257 1.28 9.32 -12.83
N ASN A 258 0.54 10.14 -12.10
CA ASN A 258 0.11 9.75 -10.75
C ASN A 258 -1.30 9.17 -10.77
N ASN A 259 -1.41 8.08 -11.52
CA ASN A 259 -2.65 7.33 -11.64
C ASN A 259 -2.29 5.94 -12.15
N VAL A 260 -3.20 4.99 -11.91
CA VAL A 260 -2.92 3.59 -12.22
C VAL A 260 -2.55 3.42 -13.68
N ASP A 261 -3.38 3.96 -14.58
CA ASP A 261 -3.23 3.70 -16.00
C ASP A 261 -1.89 4.22 -16.50
N ALA A 262 -1.52 5.41 -16.03
CA ALA A 262 -0.25 5.98 -16.47
C ALA A 262 0.94 5.14 -16.02
N GLU A 263 0.94 4.70 -14.76
CA GLU A 263 2.04 3.91 -14.26
C GLU A 263 2.11 2.54 -14.92
N ALA A 264 0.96 1.87 -15.09
CA ALA A 264 0.98 0.57 -15.81
C ALA A 264 1.50 0.76 -17.24
N SER A 265 0.99 1.80 -17.94
CA SER A 265 1.45 2.03 -19.30
C SER A 265 2.92 2.35 -19.37
N TYR A 266 3.46 3.03 -18.35
CA TYR A 266 4.90 3.31 -18.34
C TYR A 266 5.70 2.00 -18.39
N TRP A 267 5.35 1.03 -17.52
CA TRP A 267 6.06 -0.24 -17.50
C TRP A 267 5.86 -1.01 -18.79
N LEU A 268 4.63 -1.01 -19.31
CA LEU A 268 4.39 -1.69 -20.59
C LEU A 268 5.23 -1.08 -21.70
N LYS A 269 5.31 0.26 -21.76
CA LYS A 269 6.02 0.91 -22.85
C LYS A 269 7.52 0.73 -22.73
N GLN A 270 8.01 0.37 -21.53
CA GLN A 270 9.41 0.02 -21.39
C GLN A 270 9.70 -1.40 -21.85
N GLY A 271 8.66 -2.19 -22.14
CA GLY A 271 8.84 -3.57 -22.61
C GLY A 271 8.51 -4.64 -21.57
N THR A 272 7.94 -4.28 -20.42
CA THR A 272 7.67 -5.27 -19.39
C THR A 272 6.54 -6.18 -19.83
N PRO A 273 6.67 -7.50 -19.67
CA PRO A 273 5.54 -8.39 -19.91
C PRO A 273 4.34 -7.97 -19.06
N ALA A 274 3.18 -7.95 -19.69
CA ALA A 274 1.96 -7.52 -19.00
C ALA A 274 1.68 -8.39 -17.79
N GLY A 275 1.96 -9.69 -17.89
CA GLY A 275 1.70 -10.63 -16.80
C GLY A 275 2.55 -10.40 -15.57
N LYS A 276 3.63 -9.62 -15.69
CA LYS A 276 4.45 -9.31 -14.52
C LYS A 276 3.93 -8.12 -13.74
N ILE A 277 3.04 -7.31 -14.31
CA ILE A 277 2.59 -6.07 -13.67
C ILE A 277 1.40 -6.37 -12.80
N VAL A 278 1.50 -5.93 -11.55
CA VAL A 278 0.46 -6.06 -10.54
C VAL A 278 0.09 -4.65 -10.08
N ILE A 279 -1.20 -4.41 -9.85
CA ILE A 279 -1.72 -3.10 -9.47
C ILE A 279 -2.16 -3.10 -8.02
N GLY A 280 -1.59 -2.19 -7.25
CA GLY A 280 -1.96 -2.02 -5.87
C GLY A 280 -3.28 -1.30 -5.69
N ILE A 281 -4.05 -1.78 -4.72
CA ILE A 281 -5.35 -1.24 -4.36
C ILE A 281 -5.36 -0.95 -2.88
N PRO A 282 -5.60 0.30 -2.45
CA PRO A 282 -5.70 0.60 -1.01
C PRO A 282 -7.06 0.17 -0.49
N THR A 283 -7.14 -0.12 0.82
CA THR A 283 -8.41 -0.47 1.44
C THR A 283 -8.92 0.61 2.35
N TYR A 284 -8.24 1.76 2.37
CA TYR A 284 -8.46 2.80 3.35
C TYR A 284 -8.81 4.13 2.71
N GLY A 285 -9.16 5.10 3.57
CA GLY A 285 -9.39 6.45 3.14
C GLY A 285 -8.53 7.44 3.89
N ARG A 286 -8.34 8.60 3.28
CA ARG A 286 -7.65 9.71 3.92
CA ARG A 286 -7.63 9.72 3.90
C ARG A 286 -8.58 10.91 3.96
N GLY A 287 -8.56 11.62 5.08
CA GLY A 287 -9.44 12.75 5.29
C GLY A 287 -8.67 14.03 5.60
N TRP A 288 -9.21 15.15 5.10
CA TRP A 288 -8.67 16.48 5.31
C TRP A 288 -9.67 17.28 6.11
N LYS A 289 -9.17 18.18 6.98
CA LYS A 289 -10.03 19.14 7.65
C LYS A 289 -10.44 20.23 6.68
N LEU A 290 -11.72 20.58 6.66
CA LEU A 290 -12.21 21.66 5.81
C LEU A 290 -12.45 22.90 6.67
N VAL A 291 -12.32 24.06 6.03
CA VAL A 291 -12.47 25.36 6.68
C VAL A 291 -13.32 26.24 5.78
N GLU A 292 -13.41 27.54 6.08
CA GLU A 292 -14.26 28.39 5.26
C GLU A 292 -13.75 28.48 3.83
N LYS A 293 -12.44 28.65 3.64
CA LYS A 293 -11.92 28.77 2.28
C LYS A 293 -12.10 27.49 1.46
N SER A 294 -12.54 26.40 2.09
CA SER A 294 -12.85 25.18 1.32
C SER A 294 -14.06 25.35 0.43
N GLY A 295 -14.95 26.31 0.70
CA GLY A 295 -16.16 26.40 -0.10
C GLY A 295 -17.22 25.44 0.42
N ILE A 296 -18.29 25.30 -0.37
CA ILE A 296 -19.47 24.59 0.11
C ILE A 296 -19.95 23.54 -0.87
N THR A 297 -19.15 23.25 -1.90
CA THR A 297 -19.56 22.28 -2.90
C THR A 297 -18.93 20.91 -2.68
N GLY A 298 -17.77 20.87 -2.05
CA GLY A 298 -17.06 19.63 -1.87
C GLY A 298 -16.31 19.14 -3.08
N VAL A 299 -16.26 19.89 -4.16
CA VAL A 299 -15.66 19.42 -5.40
C VAL A 299 -14.14 19.57 -5.32
N PRO A 300 -13.36 18.54 -5.67
CA PRO A 300 -11.91 18.65 -5.58
C PRO A 300 -11.33 19.31 -6.81
N PRO A 301 -10.08 19.76 -6.74
CA PRO A 301 -9.23 19.83 -5.55
C PRO A 301 -9.81 20.89 -4.62
N ILE A 302 -9.76 20.67 -3.31
CA ILE A 302 -10.51 21.46 -2.33
C ILE A 302 -9.56 21.97 -1.26
N PRO A 303 -9.56 23.28 -0.95
CA PRO A 303 -8.68 23.77 0.13
C PRO A 303 -9.00 23.13 1.47
N ALA A 304 -7.96 22.94 2.25
CA ALA A 304 -8.05 22.20 3.49
C ALA A 304 -7.02 22.75 4.46
N ASP A 305 -7.02 22.20 5.68
CA ASP A 305 -6.09 22.61 6.71
C ASP A 305 -5.63 21.39 7.50
N GLY A 306 -4.88 20.52 6.84
CA GLY A 306 -4.30 19.36 7.46
C GLY A 306 -5.28 18.22 7.55
N PRO A 307 -4.88 17.17 8.25
CA PRO A 307 -5.72 15.96 8.35
C PRO A 307 -6.93 16.18 9.24
N SER A 308 -7.93 15.33 9.02
CA SER A 308 -9.11 15.30 9.86
C SER A 308 -8.89 14.46 11.13
N ILE A 309 -9.95 14.27 11.91
CA ILE A 309 -9.89 13.60 13.21
C ILE A 309 -9.31 12.21 13.10
N PRO A 310 -8.56 11.73 14.09
CA PRO A 310 -7.97 10.39 13.97
C PRO A 310 -9.01 9.29 14.00
N GLY A 311 -8.70 8.19 13.31
CA GLY A 311 -9.56 7.04 13.32
C GLY A 311 -9.88 6.60 14.73
N PRO A 312 -11.15 6.27 14.98
CA PRO A 312 -11.54 5.89 16.36
C PRO A 312 -10.78 4.69 16.91
N HIS A 313 -10.30 3.78 16.07
CA HIS A 313 -9.68 2.54 16.54
C HIS A 313 -8.16 2.53 16.42
N SER A 314 -7.57 3.46 15.66
CA SER A 314 -6.14 3.51 15.47
C SER A 314 -5.48 4.72 16.11
N GLY A 315 -6.17 5.85 16.20
CA GLY A 315 -5.54 7.07 16.65
C GLY A 315 -4.70 7.79 15.61
N ILE A 316 -4.76 7.35 14.35
CA ILE A 316 -3.96 7.96 13.29
C ILE A 316 -4.76 9.09 12.66
N ASN A 317 -4.16 10.29 12.62
CA ASN A 317 -4.88 11.46 12.12
C ASN A 317 -5.25 11.29 10.65
N GLY A 318 -6.52 11.58 10.32
CA GLY A 318 -6.95 11.61 8.93
C GLY A 318 -6.78 10.32 8.17
N PHE A 319 -6.75 9.18 8.85
CA PHE A 319 -6.55 7.89 8.21
C PHE A 319 -7.63 6.95 8.73
N TYR A 320 -8.34 6.28 7.82
CA TYR A 320 -9.51 5.49 8.18
C TYR A 320 -9.50 4.17 7.46
N SER A 321 -9.73 3.09 8.20
CA SER A 321 -9.99 1.82 7.56
C SER A 321 -11.34 1.89 6.86
N TRP A 322 -11.63 0.89 6.01
CA TRP A 322 -12.95 0.87 5.36
C TRP A 322 -14.09 0.83 6.38
N ALA A 323 -13.94 0.08 7.47
CA ALA A 323 -14.99 0.05 8.48
C ALA A 323 -15.21 1.44 9.07
N GLU A 324 -14.12 2.20 9.29
CA GLU A 324 -14.22 3.54 9.86
C GLU A 324 -14.84 4.52 8.87
N VAL A 325 -14.50 4.39 7.59
CA VAL A 325 -15.14 5.24 6.57
C VAL A 325 -16.62 4.94 6.50
N CYS A 326 -16.96 3.66 6.38
CA CYS A 326 -18.35 3.31 6.20
CA CYS A 326 -18.35 3.28 6.21
C CYS A 326 -19.21 3.73 7.39
N ALA A 327 -18.65 3.74 8.60
CA ALA A 327 -19.39 4.22 9.76
C ALA A 327 -19.72 5.70 9.68
N LYS A 328 -18.96 6.47 8.88
CA LYS A 328 -19.23 7.88 8.70
C LYS A 328 -20.22 8.16 7.57
N LEU A 329 -20.45 7.18 6.69
CA LEU A 329 -21.38 7.35 5.60
C LEU A 329 -22.81 7.10 6.09
N PRO A 330 -23.81 7.51 5.30
CA PRO A 330 -25.21 7.37 5.76
C PRO A 330 -25.54 5.91 6.07
N ASN A 331 -25.95 5.67 7.32
CA ASN A 331 -26.34 4.35 7.79
C ASN A 331 -27.50 4.53 8.77
N PRO A 332 -28.24 3.46 9.05
CA PRO A 332 -29.37 3.59 9.97
C PRO A 332 -29.00 4.16 11.34
N GLY A 333 -27.80 3.90 11.83
CA GLY A 333 -27.44 4.40 13.14
C GLY A 333 -27.39 5.92 13.21
N ASN A 334 -26.92 6.56 12.13
CA ASN A 334 -26.67 7.99 12.12
C ASN A 334 -27.59 8.75 11.15
N ALA A 335 -28.70 8.16 10.74
CA ALA A 335 -29.50 8.75 9.67
C ALA A 335 -29.90 10.19 10.00
N ASN A 336 -30.36 10.43 11.23
CA ASN A 336 -30.75 11.78 11.66
C ASN A 336 -29.82 12.33 12.74
N LEU A 337 -28.61 11.79 12.87
CA LEU A 337 -27.65 12.35 13.80
C LEU A 337 -27.10 13.67 13.26
N GLN A 338 -26.48 14.42 14.15
CA GLN A 338 -26.01 15.77 13.85
CA GLN A 338 -25.99 15.77 13.83
C GLN A 338 -24.65 15.98 14.48
N GLY A 339 -23.98 17.06 14.08
CA GLY A 339 -22.72 17.45 14.65
C GLY A 339 -21.55 16.66 14.10
N ALA A 340 -20.63 16.25 14.98
CA ALA A 340 -19.55 15.37 14.56
C ALA A 340 -20.07 14.04 14.03
N ASP A 341 -21.32 13.69 14.36
CA ASP A 341 -21.91 12.42 13.95
C ASP A 341 -22.77 12.53 12.70
N GLN A 342 -23.09 13.74 12.24
CA GLN A 342 -23.88 13.90 11.02
C GLN A 342 -23.24 13.11 9.89
N PRO A 343 -23.98 12.23 9.24
CA PRO A 343 -23.37 11.43 8.17
C PRO A 343 -22.82 12.29 7.04
N LEU A 344 -21.77 11.80 6.41
CA LEU A 344 -21.18 12.53 5.31
C LEU A 344 -22.04 12.40 4.04
N ARG A 345 -21.87 13.36 3.14
CA ARG A 345 -22.47 13.31 1.82
C ARG A 345 -21.54 12.55 0.89
N LYS A 346 -22.02 11.44 0.33
CA LYS A 346 -21.24 10.65 -0.60
C LYS A 346 -21.37 11.20 -2.01
N ILE A 347 -20.22 11.31 -2.71
CA ILE A 347 -20.22 11.70 -4.11
C ILE A 347 -19.64 10.51 -4.88
N GLY A 348 -20.51 9.71 -5.48
CA GLY A 348 -20.07 8.67 -6.37
C GLY A 348 -19.49 9.24 -7.66
N ASP A 349 -18.67 8.44 -8.30
CA ASP A 349 -17.99 8.85 -9.54
C ASP A 349 -18.59 8.09 -10.71
N PRO A 350 -19.51 8.68 -11.47
CA PRO A 350 -20.12 7.93 -12.58
C PRO A 350 -19.14 7.56 -13.67
N THR A 351 -18.02 8.28 -13.80
CA THR A 351 -17.06 7.91 -14.82
C THR A 351 -16.33 6.64 -14.47
N ARG A 352 -16.28 6.29 -13.18
CA ARG A 352 -15.48 5.20 -12.65
C ARG A 352 -13.99 5.39 -12.81
N ARG A 353 -13.55 6.57 -13.23
CA ARG A 353 -12.14 6.78 -13.52
C ARG A 353 -11.32 7.30 -12.35
N PHE A 354 -11.95 7.96 -11.39
CA PHE A 354 -11.26 8.76 -10.38
C PHE A 354 -11.43 8.28 -8.97
N GLY A 355 -12.63 7.86 -8.59
CA GLY A 355 -12.88 7.29 -7.27
C GLY A 355 -13.90 8.05 -6.47
N ALA A 356 -14.27 7.45 -5.34
CA ALA A 356 -15.30 7.98 -4.47
C ALA A 356 -14.71 8.94 -3.44
N TYR A 357 -15.54 9.90 -3.05
CA TYR A 357 -15.22 10.73 -1.91
C TYR A 357 -16.53 11.09 -1.20
N ALA A 358 -16.40 11.58 0.03
CA ALA A 358 -17.54 11.99 0.83
C ALA A 358 -17.11 13.15 1.69
N PHE A 359 -18.06 14.01 2.07
CA PHE A 359 -17.63 15.21 2.77
C PHE A 359 -18.76 15.77 3.63
N ARG A 360 -18.34 16.60 4.58
CA ARG A 360 -19.24 17.44 5.38
C ARG A 360 -18.65 18.83 5.35
N ILE A 361 -19.40 19.79 4.79
CA ILE A 361 -18.94 21.18 4.74
C ILE A 361 -18.88 21.71 6.17
N PRO A 362 -17.87 22.48 6.56
CA PRO A 362 -17.85 23.01 7.92
C PRO A 362 -19.12 23.82 8.23
N ASP A 363 -19.52 23.81 9.48
CA ASP A 363 -20.74 24.49 9.89
C ASP A 363 -20.49 26.00 9.93
N GLU A 364 -21.49 26.75 10.40
CA GLU A 364 -21.39 28.20 10.46
C GLU A 364 -20.30 28.69 11.40
N ASN A 365 -19.77 27.82 12.26
CA ASN A 365 -18.67 28.14 13.15
C ASN A 365 -17.35 27.56 12.64
N GLU A 366 -17.32 27.13 11.37
CA GLU A 366 -16.13 26.53 10.74
C GLU A 366 -15.73 25.21 11.38
N GLU A 367 -16.68 24.49 11.97
CA GLU A 367 -16.38 23.28 12.71
C GLU A 367 -16.92 22.04 12.00
N HIS A 368 -16.26 20.91 12.25
CA HIS A 368 -16.67 19.58 11.83
C HIS A 368 -16.55 19.35 10.33
N GLY A 369 -15.82 20.20 9.62
CA GLY A 369 -15.61 20.01 8.18
C GLY A 369 -14.60 18.91 7.89
N ILE A 370 -14.97 18.01 6.98
CA ILE A 370 -14.09 16.90 6.58
C ILE A 370 -14.35 16.58 5.12
N TRP A 371 -13.27 16.23 4.40
CA TRP A 371 -13.32 15.76 3.03
C TRP A 371 -12.51 14.47 3.00
N LEU A 372 -13.16 13.39 2.58
CA LEU A 372 -12.61 12.05 2.72
C LEU A 372 -12.63 11.32 1.38
N SER A 373 -11.44 10.97 0.91
CA SER A 373 -11.27 10.18 -0.30
C SER A 373 -10.87 8.78 0.08
N TYR A 374 -11.58 7.78 -0.46
CA TYR A 374 -11.46 6.43 0.04
C TYR A 374 -11.74 5.44 -1.08
N GLU A 375 -11.24 4.23 -0.93
CA GLU A 375 -11.59 3.09 -1.76
C GLU A 375 -12.74 2.35 -1.11
N ASP A 376 -13.64 1.83 -1.96
CA ASP A 376 -14.70 0.98 -1.43
C ASP A 376 -14.80 -0.27 -2.30
N PRO A 377 -15.66 -1.23 -1.97
CA PRO A 377 -15.68 -2.46 -2.78
C PRO A 377 -15.97 -2.22 -4.25
N ASP A 378 -16.84 -1.25 -4.56
CA ASP A 378 -17.15 -0.96 -5.95
CA ASP A 378 -17.15 -0.94 -5.95
C ASP A 378 -15.94 -0.39 -6.68
N THR A 379 -15.27 0.58 -6.09
CA THR A 379 -14.14 1.18 -6.80
C THR A 379 -12.92 0.25 -6.82
N ALA A 380 -12.71 -0.56 -5.79
CA ALA A 380 -11.68 -1.60 -5.86
C ALA A 380 -11.98 -2.60 -6.96
N GLY A 381 -13.26 -3.00 -7.09
CA GLY A 381 -13.66 -3.83 -8.20
C GLY A 381 -13.36 -3.21 -9.54
N ASN A 382 -13.58 -1.90 -9.69
CA ASN A 382 -13.23 -1.25 -10.94
C ASN A 382 -11.75 -1.41 -11.25
N LYS A 383 -10.88 -1.29 -10.24
CA LYS A 383 -9.45 -1.43 -10.46
C LYS A 383 -9.09 -2.84 -10.90
N ALA A 384 -9.66 -3.84 -10.25
CA ALA A 384 -9.42 -5.23 -10.64
C ALA A 384 -9.92 -5.51 -12.05
N ALA A 385 -11.06 -4.92 -12.42
CA ALA A 385 -11.60 -5.12 -13.75
C ALA A 385 -10.70 -4.46 -14.80
N TYR A 386 -10.06 -3.34 -14.45
CA TYR A 386 -9.08 -2.70 -15.32
C TYR A 386 -7.91 -3.65 -15.56
N VAL A 387 -7.40 -4.26 -14.49
CA VAL A 387 -6.33 -5.23 -14.60
C VAL A 387 -6.73 -6.35 -15.55
N LYS A 388 -7.92 -6.89 -15.39
CA LYS A 388 -8.36 -7.98 -16.26
CA LYS A 388 -8.34 -7.98 -16.27
C LYS A 388 -8.44 -7.51 -17.71
N ALA A 389 -9.04 -6.34 -17.95
CA ALA A 389 -9.22 -5.85 -19.32
C ALA A 389 -7.89 -5.56 -20.00
N LYS A 390 -6.87 -5.14 -19.24
CA LYS A 390 -5.58 -4.80 -19.80
C LYS A 390 -4.63 -5.98 -19.81
N GLY A 391 -5.07 -7.14 -19.33
CA GLY A 391 -4.22 -8.31 -19.39
C GLY A 391 -3.07 -8.26 -18.44
N LEU A 392 -3.18 -7.49 -17.38
CA LEU A 392 -2.10 -7.40 -16.41
C LEU A 392 -2.10 -8.61 -15.50
N GLY A 393 -1.07 -8.68 -14.66
CA GLY A 393 -0.77 -9.88 -13.91
C GLY A 393 -1.52 -10.10 -12.62
N GLY A 394 -2.18 -9.08 -12.09
CA GLY A 394 -2.89 -9.24 -10.84
C GLY A 394 -3.01 -7.92 -10.11
N ILE A 395 -3.37 -8.05 -8.84
CA ILE A 395 -3.61 -6.95 -7.90
C ILE A 395 -2.84 -7.23 -6.62
N SER A 396 -2.64 -6.16 -5.87
CA SER A 396 -2.23 -6.26 -4.50
C SER A 396 -3.17 -5.45 -3.65
N ILE A 397 -3.25 -5.82 -2.37
CA ILE A 397 -4.23 -5.26 -1.43
C ILE A 397 -3.45 -4.65 -0.28
N PHE A 398 -3.53 -3.33 -0.17
CA PHE A 398 -2.82 -2.56 0.85
C PHE A 398 -3.89 -1.94 1.76
N ASP A 399 -4.30 -2.64 2.81
CA ASP A 399 -3.81 -3.90 3.32
CA ASP A 399 -3.80 -3.90 3.31
C ASP A 399 -5.00 -4.65 3.93
N LEU A 400 -4.79 -5.91 4.32
CA LEU A 400 -5.91 -6.70 4.77
C LEU A 400 -6.56 -6.10 6.02
N GLY A 401 -5.76 -5.59 6.97
CA GLY A 401 -6.35 -5.14 8.23
C GLY A 401 -7.11 -3.83 8.13
N ASN A 402 -6.93 -3.09 7.03
CA ASN A 402 -7.73 -1.90 6.75
C ASN A 402 -8.95 -2.19 5.88
N ASP A 403 -9.05 -3.39 5.31
CA ASP A 403 -10.35 -3.85 4.87
C ASP A 403 -11.25 -4.06 6.09
N ASP A 404 -12.54 -4.28 5.85
CA ASP A 404 -13.49 -4.49 6.94
C ASP A 404 -13.42 -5.95 7.41
N VAL A 405 -12.38 -6.18 8.23
CA VAL A 405 -12.06 -7.51 8.75
C VAL A 405 -13.25 -8.17 9.42
N ARG A 406 -14.03 -7.41 10.19
CA ARG A 406 -15.07 -7.95 11.04
C ARG A 406 -16.45 -7.87 10.42
N GLY A 407 -16.56 -7.34 9.20
CA GLY A 407 -17.87 -7.19 8.58
C GLY A 407 -18.76 -6.15 9.25
N ALA A 408 -18.15 -5.13 9.83
CA ALA A 408 -18.93 -4.14 10.57
C ALA A 408 -19.77 -3.25 9.66
N CYS A 409 -19.32 -3.03 8.43
CA CYS A 409 -20.00 -2.11 7.53
CA CYS A 409 -20.01 -2.09 7.55
C CYS A 409 -21.35 -2.66 7.11
N ALA A 410 -21.35 -3.84 6.51
CA ALA A 410 -22.56 -4.41 5.93
C ALA A 410 -22.78 -5.87 6.31
N GLY A 411 -21.98 -6.41 7.21
CA GLY A 411 -22.11 -7.78 7.64
C GLY A 411 -21.15 -8.75 6.98
N ASP A 412 -20.64 -8.42 5.80
CA ASP A 412 -19.72 -9.27 5.08
C ASP A 412 -18.28 -8.89 5.37
N LYS A 413 -17.48 -9.89 5.72
CA LYS A 413 -16.09 -9.66 6.04
C LYS A 413 -15.23 -9.59 4.79
N PHE A 414 -14.19 -8.79 4.84
CA PHE A 414 -13.27 -8.58 3.73
C PHE A 414 -13.97 -8.19 2.42
N PRO A 415 -14.88 -7.21 2.48
CA PRO A 415 -15.64 -6.84 1.28
C PRO A 415 -14.80 -6.28 0.16
N ILE A 416 -13.77 -5.50 0.46
CA ILE A 416 -12.98 -4.90 -0.61
C ILE A 416 -12.18 -5.98 -1.31
N LEU A 417 -11.43 -6.79 -0.54
CA LEU A 417 -10.70 -7.89 -1.12
C LEU A 417 -11.60 -8.77 -1.96
N ARG A 418 -12.77 -9.14 -1.43
CA ARG A 418 -13.62 -10.09 -2.13
C ARG A 418 -14.17 -9.50 -3.42
N ALA A 419 -14.52 -8.21 -3.40
CA ALA A 419 -15.04 -7.60 -4.62
C ALA A 419 -13.92 -7.48 -5.67
N ALA A 420 -12.72 -7.09 -5.25
CA ALA A 420 -11.61 -7.02 -6.20
C ALA A 420 -11.27 -8.38 -6.79
N LYS A 421 -11.23 -9.42 -5.95
CA LYS A 421 -10.91 -10.76 -6.45
C LYS A 421 -11.98 -11.22 -7.44
N TYR A 422 -13.24 -10.93 -7.14
CA TYR A 422 -14.32 -11.36 -8.02
C TYR A 422 -14.20 -10.72 -9.40
N ARG A 423 -13.96 -9.40 -9.42
CA ARG A 423 -13.96 -8.69 -10.70
C ARG A 423 -12.65 -8.90 -11.46
N LEU A 424 -11.64 -9.40 -10.79
CA LEU A 424 -10.40 -9.79 -11.43
C LEU A 424 -10.61 -10.99 -12.35
N LYS A 425 -11.62 -11.82 -12.05
CA LYS A 425 -11.80 -13.05 -12.78
C LYS A 425 -13.16 -13.22 -13.44
N HIS A 426 -14.14 -12.37 -13.14
CA HIS A 426 -15.48 -12.51 -13.70
C HIS A 426 -15.84 -11.26 -14.49
N HIS A 427 -16.41 -11.47 -15.67
CA HIS A 427 -16.80 -10.35 -16.51
C HIS A 427 -17.94 -9.58 -15.86
N HIS A 428 -18.03 -8.29 -16.19
CA HIS A 428 -19.03 -7.42 -15.60
C HIS A 428 -20.44 -7.96 -15.77
#